data_7XG9
#
_entry.id   7XG9
#
_cell.length_a   37.056
_cell.length_b   168.117
_cell.length_c   45.424
_cell.angle_alpha   90.000
_cell.angle_beta   105.551
_cell.angle_gamma   90.000
#
_symmetry.space_group_name_H-M   'P 1 21 1'
#
loop_
_entity.id
_entity.type
_entity.pdbx_description
1 polymer '5,10-methylenetetrahydrofolate reductase'
2 non-polymer 'FLAVIN-ADENINE DINUCLEOTIDE'
3 non-polymer DI(HYDROXYETHYL)ETHER
4 water water
#
_entity_poly.entity_id   1
_entity_poly.type   'polypeptide(L)'
_entity_poly.pdbx_seq_one_letter_code
;SATATLDKAALSRLFTDYSLEITPKDVEALENAAHMIPPGTLISVTFLPGAEYEDRARAAKRIQELGFRPVPHLSARRLI
DEADLRTYLDMLKGVIDLKHVFVIAGDPNEPLGIYEDALALIDSGILKEYGIEHCGISGYPEGHPDITDEKLAKAMHDKV
ASLKRQGIDYSIMTQFGFDAEPVLEWLKQIRSEGIDGPVRIGLAGPASIKTLLRFAARCGVGTSAKVVKKYGLSITSLIG
SAGPDPVIEDLTPVLGPEHGQVHLHFYPFGGLVKTNEWIVNFKGKQGI
;
_entity_poly.pdbx_strand_id   A,B
#
# COMPACT_ATOMS: atom_id res chain seq x y z
N THR A 3 7.11 34.74 6.01
CA THR A 3 7.57 33.50 6.68
C THR A 3 7.24 32.30 5.80
N ALA A 4 6.01 32.19 5.29
CA ALA A 4 5.71 31.09 4.39
C ALA A 4 6.67 31.06 3.20
N THR A 5 6.95 32.24 2.64
CA THR A 5 7.89 32.34 1.53
C THR A 5 9.28 31.83 1.91
N LEU A 6 9.76 32.19 3.09
CA LEU A 6 11.09 31.75 3.48
C LEU A 6 11.11 30.26 3.82
N ASP A 7 10.01 29.75 4.40
CA ASP A 7 9.96 28.32 4.70
C ASP A 7 9.92 27.49 3.42
N LYS A 8 9.15 27.92 2.44
CA LYS A 8 9.16 27.26 1.14
C LYS A 8 10.54 27.32 0.51
N ALA A 9 11.24 28.45 0.64
CA ALA A 9 12.57 28.56 0.06
C ALA A 9 13.53 27.57 0.71
N ALA A 10 13.49 27.43 2.05
CA ALA A 10 14.36 26.49 2.72
C ALA A 10 14.05 25.06 2.31
N LEU A 11 12.77 24.73 2.16
CA LEU A 11 12.39 23.40 1.70
C LEU A 11 12.85 23.15 0.27
N SER A 12 12.71 24.16 -0.61
CA SER A 12 13.18 24.04 -1.98
CA SER A 12 13.18 24.02 -1.98
C SER A 12 14.69 23.77 -2.04
N ARG A 13 15.47 24.49 -1.21
CA ARG A 13 16.90 24.25 -1.18
C ARG A 13 17.22 22.85 -0.66
N LEU A 14 16.53 22.41 0.40
CA LEU A 14 16.83 21.09 0.96
C LEU A 14 16.55 19.98 -0.05
N PHE A 15 15.51 20.13 -0.86
CA PHE A 15 15.15 19.14 -1.87
C PHE A 15 15.95 19.26 -3.16
N THR A 16 16.70 20.35 -3.36
CA THR A 16 17.52 20.46 -4.56
C THR A 16 18.58 19.37 -4.57
N ASP A 17 18.73 18.69 -5.72
CA ASP A 17 19.81 17.72 -5.90
C ASP A 17 19.64 16.55 -4.94
N TYR A 18 18.39 16.16 -4.69
CA TYR A 18 18.17 14.92 -3.96
C TYR A 18 18.65 13.74 -4.78
N SER A 19 18.97 12.64 -4.10
CA SER A 19 19.47 11.46 -4.78
C SER A 19 18.56 10.26 -4.53
N LEU A 20 18.77 9.23 -5.35
CA LEU A 20 17.96 8.02 -5.38
C LEU A 20 18.88 6.82 -5.52
N GLU A 21 18.30 5.62 -5.49
CA GLU A 21 19.06 4.41 -5.77
C GLU A 21 18.16 3.37 -6.40
N ILE A 22 18.81 2.43 -7.10
CA ILE A 22 18.14 1.26 -7.67
C ILE A 22 19.01 0.03 -7.46
N THR A 23 18.38 -1.13 -7.57
CA THR A 23 19.09 -2.39 -7.78
C THR A 23 19.17 -2.66 -9.27
N PRO A 24 20.00 -3.63 -9.68
CA PRO A 24 20.06 -3.97 -11.10
C PRO A 24 18.73 -4.49 -11.66
N LYS A 25 17.77 -4.85 -10.81
CA LYS A 25 16.47 -5.35 -11.25
C LYS A 25 15.46 -4.24 -11.51
N ASP A 26 15.85 -2.97 -11.37
CA ASP A 26 14.86 -1.90 -11.36
C ASP A 26 14.98 -0.95 -12.55
N VAL A 27 15.55 -1.40 -13.67
CA VAL A 27 15.77 -0.51 -14.80
C VAL A 27 14.44 -0.08 -15.43
N GLU A 28 13.48 -1.00 -15.52
CA GLU A 28 12.18 -0.63 -16.09
C GLU A 28 11.46 0.37 -15.19
N ALA A 29 11.52 0.17 -13.88
CA ALA A 29 10.98 1.16 -12.95
C ALA A 29 11.65 2.51 -13.14
N LEU A 30 12.98 2.52 -13.32
CA LEU A 30 13.69 3.77 -13.56
C LEU A 30 13.22 4.43 -14.85
N GLU A 31 13.00 3.63 -15.89
CA GLU A 31 12.51 4.20 -17.15
C GLU A 31 11.13 4.81 -16.97
N ASN A 32 10.28 4.17 -16.17
CA ASN A 32 8.94 4.69 -15.93
C ASN A 32 8.96 5.93 -15.04
N ALA A 33 9.92 6.02 -14.12
CA ALA A 33 10.02 7.15 -13.21
C ALA A 33 10.76 8.35 -13.81
N ALA A 34 11.49 8.16 -14.91
CA ALA A 34 12.49 9.13 -15.35
C ALA A 34 11.91 10.51 -15.66
N HIS A 35 10.68 10.58 -16.18
CA HIS A 35 10.15 11.88 -16.58
C HIS A 35 10.12 12.87 -15.43
N MET A 36 9.90 12.40 -14.21
CA MET A 36 9.79 13.31 -13.07
C MET A 36 11.02 13.28 -12.16
N ILE A 37 12.11 12.71 -12.63
CA ILE A 37 13.39 12.77 -11.91
C ILE A 37 14.22 13.90 -12.51
N PRO A 38 14.72 14.83 -11.70
CA PRO A 38 15.51 15.94 -12.26
C PRO A 38 16.73 15.44 -13.02
N PRO A 39 17.00 15.96 -14.21
CA PRO A 39 18.24 15.63 -14.89
C PRO A 39 19.43 15.84 -13.96
N GLY A 40 20.41 14.95 -14.06
CA GLY A 40 21.58 15.04 -13.22
C GLY A 40 21.47 14.35 -11.89
N THR A 41 20.28 13.91 -11.49
CA THR A 41 20.11 13.24 -10.20
C THR A 41 21.12 12.10 -10.06
N LEU A 42 21.80 12.06 -8.92
CA LEU A 42 22.67 10.94 -8.58
C LEU A 42 21.81 9.71 -8.25
N ILE A 43 22.03 8.62 -8.96
CA ILE A 43 21.26 7.39 -8.75
C ILE A 43 22.26 6.27 -8.50
N SER A 44 22.26 5.75 -7.29
CA SER A 44 23.15 4.66 -6.91
C SER A 44 22.70 3.35 -7.55
N VAL A 45 23.66 2.46 -7.78
CA VAL A 45 23.38 1.05 -8.07
C VAL A 45 23.95 0.27 -6.89
N THR A 46 23.07 -0.24 -6.05
CA THR A 46 23.55 -0.90 -4.84
C THR A 46 24.20 -2.24 -5.18
N PHE A 47 25.04 -2.70 -4.26
CA PHE A 47 25.81 -3.92 -4.51
C PHE A 47 25.38 -4.96 -3.47
N LEU A 48 24.61 -5.93 -3.92
CA LEU A 48 24.13 -7.00 -3.05
C LEU A 48 24.22 -8.31 -3.82
N PRO A 49 24.22 -9.45 -3.13
CA PRO A 49 24.25 -10.73 -3.84
C PRO A 49 23.01 -10.89 -4.71
N GLY A 50 23.15 -11.73 -5.73
CA GLY A 50 22.03 -12.01 -6.62
C GLY A 50 22.04 -11.24 -7.93
N ALA A 51 23.17 -10.66 -8.31
CA ALA A 51 23.32 -10.02 -9.62
C ALA A 51 24.70 -10.33 -10.16
N GLU A 52 24.82 -10.28 -11.48
CA GLU A 52 26.09 -10.35 -12.17
C GLU A 52 26.63 -8.95 -12.42
N TYR A 53 27.96 -8.84 -12.58
CA TYR A 53 28.53 -7.54 -12.89
C TYR A 53 27.89 -6.94 -14.14
N GLU A 54 27.62 -7.76 -15.16
CA GLU A 54 26.99 -7.23 -16.37
C GLU A 54 25.65 -6.58 -16.05
N ASP A 55 24.89 -7.13 -15.09
CA ASP A 55 23.60 -6.54 -14.73
C ASP A 55 23.80 -5.17 -14.11
N ARG A 56 24.81 -5.05 -13.24
CA ARG A 56 25.12 -3.78 -12.59
C ARG A 56 25.61 -2.76 -13.60
N ALA A 57 26.49 -3.18 -14.52
CA ALA A 57 26.97 -2.25 -15.54
C ALA A 57 25.84 -1.78 -16.45
N ARG A 58 24.93 -2.68 -16.83
CA ARG A 58 23.83 -2.26 -17.69
C ARG A 58 22.94 -1.25 -16.97
N ALA A 59 22.69 -1.45 -15.67
CA ALA A 59 21.90 -0.48 -14.91
C ALA A 59 22.58 0.87 -14.87
N ALA A 60 23.91 0.88 -14.63
CA ALA A 60 24.61 2.15 -14.59
C ALA A 60 24.57 2.85 -15.94
N LYS A 61 24.72 2.08 -17.02
CA LYS A 61 24.66 2.65 -18.37
C LYS A 61 23.30 3.30 -18.64
N ARG A 62 22.22 2.64 -18.24
CA ARG A 62 20.88 3.21 -18.45
C ARG A 62 20.67 4.47 -17.64
N ILE A 63 21.16 4.51 -16.39
CA ILE A 63 21.09 5.73 -15.60
C ILE A 63 21.71 6.90 -16.37
N GLN A 64 22.90 6.69 -16.91
CA GLN A 64 23.58 7.76 -17.65
C GLN A 64 22.84 8.15 -18.90
N GLU A 65 22.38 7.16 -19.68
CA GLU A 65 21.67 7.42 -20.93
C GLU A 65 20.39 8.21 -20.69
N LEU A 66 19.73 7.99 -19.56
CA LEU A 66 18.51 8.71 -19.21
C LEU A 66 18.78 10.12 -18.70
N GLY A 67 20.04 10.52 -18.59
CA GLY A 67 20.38 11.86 -18.18
C GLY A 67 20.72 12.04 -16.73
N PHE A 68 20.95 10.96 -16.01
CA PHE A 68 21.24 11.00 -14.57
C PHE A 68 22.69 10.59 -14.34
N ARG A 69 23.16 10.72 -13.11
CA ARG A 69 24.55 10.41 -12.77
C ARG A 69 24.64 9.11 -12.01
N PRO A 70 25.19 8.03 -12.58
CA PRO A 70 25.25 6.76 -11.85
C PRO A 70 26.30 6.77 -10.75
N VAL A 71 25.97 6.12 -9.64
CA VAL A 71 26.89 5.95 -8.52
C VAL A 71 26.97 4.47 -8.17
N PRO A 72 27.85 3.70 -8.82
CA PRO A 72 28.01 2.29 -8.45
C PRO A 72 28.49 2.15 -7.02
N HIS A 73 27.82 1.28 -6.27
CA HIS A 73 28.32 0.89 -4.95
C HIS A 73 29.36 -0.21 -5.09
N LEU A 74 30.37 -0.14 -4.23
CA LEU A 74 31.42 -1.14 -4.15
C LEU A 74 31.41 -1.73 -2.75
N SER A 75 31.12 -3.03 -2.67
CA SER A 75 31.05 -3.75 -1.41
C SER A 75 32.37 -4.46 -1.19
N ALA A 76 33.20 -3.89 -0.30
CA ALA A 76 34.58 -4.38 -0.14
C ALA A 76 34.63 -5.85 0.24
N ARG A 77 33.78 -6.27 1.19
CA ARG A 77 33.87 -7.64 1.71
C ARG A 77 33.35 -8.67 0.73
N ARG A 78 32.65 -8.25 -0.33
CA ARG A 78 32.22 -9.22 -1.32
CA ARG A 78 32.20 -9.17 -1.35
C ARG A 78 33.24 -9.43 -2.43
N LEU A 79 34.34 -8.68 -2.43
CA LEU A 79 35.36 -8.83 -3.46
C LEU A 79 36.45 -9.80 -3.01
N ILE A 80 36.87 -10.67 -3.91
CA ILE A 80 37.86 -11.69 -3.57
C ILE A 80 39.25 -11.10 -3.53
N ASP A 81 39.61 -10.30 -4.53
CA ASP A 81 40.97 -9.81 -4.68
C ASP A 81 40.93 -8.61 -5.62
N GLU A 82 42.10 -8.05 -5.89
CA GLU A 82 42.17 -6.88 -6.74
C GLU A 82 41.63 -7.19 -8.13
N ALA A 83 41.91 -8.38 -8.66
CA ALA A 83 41.40 -8.76 -9.97
C ALA A 83 39.87 -8.73 -10.02
N ASP A 84 39.22 -9.19 -8.95
CA ASP A 84 37.76 -9.15 -8.87
C ASP A 84 37.27 -7.71 -8.95
N LEU A 85 37.86 -6.83 -8.16
CA LEU A 85 37.46 -5.42 -8.19
C LEU A 85 37.70 -4.80 -9.56
N ARG A 86 38.86 -5.08 -10.17
CA ARG A 86 39.16 -4.54 -11.49
C ARG A 86 38.21 -5.07 -12.54
N THR A 87 37.75 -6.32 -12.40
CA THR A 87 36.74 -6.84 -13.32
C THR A 87 35.52 -5.93 -13.37
N TYR A 88 35.02 -5.53 -12.19
CA TYR A 88 33.86 -4.67 -12.14
C TYR A 88 34.22 -3.25 -12.60
N LEU A 89 35.36 -2.71 -12.16
CA LEU A 89 35.70 -1.34 -12.49
C LEU A 89 35.98 -1.18 -13.98
N ASP A 90 36.67 -2.16 -14.58
CA ASP A 90 36.90 -2.12 -16.01
C ASP A 90 35.59 -2.17 -16.78
N MET A 91 34.67 -3.02 -16.31
CA MET A 91 33.36 -3.11 -16.96
C MET A 91 32.62 -1.78 -16.90
N LEU A 92 32.63 -1.13 -15.73
CA LEU A 92 31.98 0.16 -15.55
C LEU A 92 32.63 1.23 -16.41
N LYS A 93 33.97 1.30 -16.39
CA LYS A 93 34.67 2.33 -17.15
C LYS A 93 34.32 2.26 -18.63
N GLY A 94 34.05 1.05 -19.14
CA GLY A 94 33.72 0.88 -20.53
C GLY A 94 32.32 1.33 -20.92
N VAL A 95 31.43 1.56 -19.95
CA VAL A 95 30.04 1.87 -20.25
C VAL A 95 29.59 3.22 -19.69
N ILE A 96 30.24 3.77 -18.67
CA ILE A 96 29.81 5.05 -18.10
C ILE A 96 31.02 5.96 -17.92
N ASP A 97 30.73 7.24 -17.75
CA ASP A 97 31.69 8.23 -17.28
C ASP A 97 31.88 7.98 -15.80
N LEU A 98 32.88 7.17 -15.46
CA LEU A 98 33.06 6.64 -14.09
C LEU A 98 33.71 7.73 -13.25
N LYS A 99 32.88 8.55 -12.60
CA LYS A 99 33.34 9.66 -11.80
C LYS A 99 32.91 9.58 -10.35
N HIS A 100 31.83 8.87 -10.05
CA HIS A 100 31.26 8.74 -8.71
C HIS A 100 31.19 7.27 -8.35
N VAL A 101 31.65 6.91 -7.16
CA VAL A 101 31.33 5.62 -6.56
C VAL A 101 30.94 5.83 -5.10
N PHE A 102 30.44 4.76 -4.49
CA PHE A 102 30.12 4.74 -3.07
C PHE A 102 30.72 3.44 -2.52
N VAL A 103 31.57 3.54 -1.50
CA VAL A 103 32.32 2.39 -1.00
C VAL A 103 31.90 2.09 0.43
N ILE A 104 31.52 0.82 0.64
CA ILE A 104 31.11 0.33 1.98
C ILE A 104 31.83 -0.99 2.27
N ALA A 105 31.93 -1.33 3.55
CA ALA A 105 32.42 -2.66 3.91
C ALA A 105 31.55 -3.76 3.30
N GLY A 106 30.25 -3.54 3.23
CA GLY A 106 29.35 -4.56 2.73
C GLY A 106 28.72 -5.39 3.85
N ASP A 107 27.62 -6.04 3.51
CA ASP A 107 26.87 -6.75 4.54
CA ASP A 107 26.81 -6.82 4.44
C ASP A 107 27.47 -8.09 4.98
N PRO A 108 28.47 -8.69 4.30
CA PRO A 108 29.02 -9.95 4.84
C PRO A 108 29.57 -9.81 6.26
N ASN A 109 29.22 -10.78 7.11
CA ASN A 109 29.75 -10.80 8.47
C ASN A 109 31.25 -11.08 8.48
N GLU A 110 31.72 -11.81 7.48
CA GLU A 110 33.11 -12.16 7.34
C GLU A 110 33.55 -11.76 5.95
N PRO A 111 34.67 -11.05 5.79
CA PRO A 111 35.13 -10.69 4.45
C PRO A 111 35.40 -11.92 3.61
N LEU A 112 35.15 -11.81 2.31
CA LEU A 112 35.43 -12.90 1.39
C LEU A 112 36.82 -12.82 0.78
N GLY A 113 37.54 -11.72 0.97
CA GLY A 113 38.80 -11.54 0.28
C GLY A 113 39.76 -10.59 0.97
N ILE A 114 40.46 -9.79 0.16
CA ILE A 114 41.57 -8.99 0.68
C ILE A 114 41.15 -7.65 1.28
N TYR A 115 39.86 -7.28 1.20
CA TYR A 115 39.37 -5.99 1.68
C TYR A 115 38.47 -6.19 2.89
N GLU A 116 39.01 -5.88 4.08
N GLU A 116 38.99 -5.90 4.09
CA GLU A 116 38.29 -6.07 5.34
CA GLU A 116 38.18 -6.13 5.28
C GLU A 116 37.11 -5.09 5.46
C GLU A 116 37.11 -5.08 5.49
N ASP A 117 37.24 -3.91 4.86
CA ASP A 117 36.30 -2.82 5.09
C ASP A 117 36.48 -1.80 3.98
N ALA A 118 35.68 -0.73 4.05
CA ALA A 118 35.72 0.26 2.99
C ALA A 118 37.10 0.93 2.89
N LEU A 119 37.73 1.22 4.04
CA LEU A 119 39.05 1.85 4.04
C LEU A 119 40.08 0.98 3.30
N ALA A 120 40.01 -0.34 3.46
CA ALA A 120 40.98 -1.18 2.77
C ALA A 120 40.91 -0.98 1.26
N LEU A 121 39.70 -0.89 0.71
CA LEU A 121 39.55 -0.64 -0.70
C LEU A 121 39.97 0.79 -1.06
N ILE A 122 39.43 1.78 -0.33
CA ILE A 122 39.72 3.18 -0.63
C ILE A 122 41.21 3.45 -0.59
N ASP A 123 41.88 3.01 0.47
CA ASP A 123 43.29 3.34 0.64
C ASP A 123 44.22 2.53 -0.27
N SER A 124 43.67 1.61 -1.07
CA SER A 124 44.53 0.83 -1.95
C SER A 124 45.02 1.64 -3.14
N GLY A 125 44.40 2.79 -3.41
CA GLY A 125 44.78 3.64 -4.51
C GLY A 125 44.02 3.37 -5.79
N ILE A 126 43.24 2.29 -5.84
CA ILE A 126 42.66 1.84 -7.10
C ILE A 126 41.62 2.82 -7.65
N LEU A 127 40.94 3.57 -6.78
CA LEU A 127 39.93 4.50 -7.31
C LEU A 127 40.59 5.60 -8.12
N LYS A 128 41.77 6.06 -7.68
CA LYS A 128 42.45 7.12 -8.41
C LYS A 128 42.88 6.64 -9.78
N GLU A 129 43.32 5.38 -9.87
CA GLU A 129 43.72 4.80 -11.15
C GLU A 129 42.58 4.88 -12.16
N TYR A 130 41.35 4.72 -11.72
CA TYR A 130 40.20 4.72 -12.62
C TYR A 130 39.62 6.11 -12.81
N GLY A 131 40.26 7.15 -12.28
CA GLY A 131 39.82 8.50 -12.54
C GLY A 131 38.62 8.94 -11.73
N ILE A 132 38.33 8.26 -10.63
CA ILE A 132 37.18 8.61 -9.82
C ILE A 132 37.44 9.94 -9.12
N GLU A 133 36.45 10.83 -9.19
CA GLU A 133 36.58 12.17 -8.60
C GLU A 133 35.77 12.36 -7.34
N HIS A 134 34.87 11.43 -7.04
CA HIS A 134 33.94 11.52 -5.92
C HIS A 134 33.74 10.13 -5.35
N CYS A 135 34.01 9.97 -4.06
CA CYS A 135 33.76 8.72 -3.36
C CYS A 135 32.86 9.02 -2.17
N GLY A 136 31.69 8.39 -2.15
CA GLY A 136 30.82 8.46 -0.99
C GLY A 136 31.12 7.38 0.05
N ILE A 137 30.84 7.72 1.31
CA ILE A 137 31.04 6.81 2.44
C ILE A 137 29.80 6.90 3.31
N SER A 138 29.65 5.90 4.16
CA SER A 138 28.50 5.79 5.04
C SER A 138 28.58 6.74 6.24
N GLY A 139 27.43 6.95 6.87
CA GLY A 139 27.35 7.64 8.16
C GLY A 139 26.19 7.09 8.96
N TYR A 140 26.35 6.95 10.28
CA TYR A 140 25.33 6.30 11.12
C TYR A 140 25.01 7.17 12.33
N PRO A 141 24.01 8.05 12.22
CA PRO A 141 23.67 8.90 13.37
C PRO A 141 23.20 8.14 14.60
N GLU A 142 22.67 6.91 14.44
CA GLU A 142 22.25 6.11 15.59
C GLU A 142 23.17 4.91 15.81
N GLY A 143 24.40 4.97 15.33
CA GLY A 143 25.32 3.88 15.52
C GLY A 143 24.99 2.71 14.62
N HIS A 144 25.58 1.56 14.97
CA HIS A 144 25.52 0.39 14.11
C HIS A 144 25.45 -0.85 14.98
N PRO A 145 24.68 -1.88 14.57
CA PRO A 145 24.51 -3.06 15.42
C PRO A 145 25.78 -3.85 15.68
N ASP A 146 26.79 -3.75 14.81
CA ASP A 146 27.97 -4.60 14.90
C ASP A 146 29.24 -3.84 15.18
N ILE A 147 29.19 -2.51 15.23
CA ILE A 147 30.39 -1.69 15.22
C ILE A 147 30.21 -0.60 16.26
N THR A 148 31.20 -0.43 17.12
CA THR A 148 31.08 0.58 18.17
C THR A 148 31.10 1.99 17.58
N ASP A 149 30.53 2.93 18.34
CA ASP A 149 30.58 4.34 17.95
C ASP A 149 32.01 4.78 17.68
N GLU A 150 32.95 4.35 18.53
CA GLU A 150 34.35 4.75 18.36
C GLU A 150 34.93 4.24 17.04
N LYS A 151 34.66 2.97 16.71
CA LYS A 151 35.17 2.42 15.46
C LYS A 151 34.52 3.08 14.25
N LEU A 152 33.24 3.44 14.35
CA LEU A 152 32.58 4.14 13.24
C LEU A 152 33.23 5.50 13.00
N ALA A 153 33.49 6.24 14.08
CA ALA A 153 34.08 7.56 13.95
C ALA A 153 35.50 7.49 13.41
N LYS A 154 36.29 6.54 13.90
CA LYS A 154 37.65 6.39 13.40
C LYS A 154 37.66 6.02 11.93
N ALA A 155 36.76 5.11 11.53
CA ALA A 155 36.64 4.73 10.12
C ALA A 155 36.29 5.94 9.26
N MET A 156 35.35 6.77 9.71
CA MET A 156 35.02 7.96 8.93
C MET A 156 36.25 8.84 8.79
N HIS A 157 36.94 9.11 9.89
CA HIS A 157 38.11 9.97 9.82
C HIS A 157 39.19 9.37 8.92
N ASP A 158 39.42 8.04 9.03
CA ASP A 158 40.48 7.41 8.22
C ASP A 158 40.10 7.41 6.74
N LYS A 159 38.83 7.18 6.40
CA LYS A 159 38.45 7.19 4.99
C LYS A 159 38.52 8.60 4.42
N VAL A 160 38.08 9.60 5.19
CA VAL A 160 38.20 10.98 4.73
C VAL A 160 39.67 11.33 4.51
N ALA A 161 40.54 10.92 5.44
CA ALA A 161 41.95 11.24 5.31
C ALA A 161 42.56 10.59 4.08
N SER A 162 42.18 9.34 3.79
CA SER A 162 42.73 8.64 2.64
C SER A 162 42.27 9.28 1.34
N LEU A 163 40.99 9.63 1.25
CA LEU A 163 40.48 10.32 0.07
C LEU A 163 41.14 11.67 -0.11
N LYS A 164 41.30 12.43 0.98
CA LYS A 164 41.99 13.72 0.89
C LYS A 164 43.41 13.54 0.36
N ARG A 165 44.16 12.59 0.94
CA ARG A 165 45.53 12.35 0.48
C ARG A 165 45.57 12.05 -1.01
N GLN A 166 44.58 11.32 -1.52
CA GLN A 166 44.56 10.97 -2.92
C GLN A 166 43.96 12.04 -3.81
N GLY A 167 43.49 13.16 -3.27
CA GLY A 167 42.88 14.17 -4.12
C GLY A 167 41.55 13.75 -4.70
N ILE A 168 40.79 12.93 -3.97
CA ILE A 168 39.44 12.52 -4.37
C ILE A 168 38.45 13.16 -3.41
N ASP A 169 37.47 13.87 -3.94
CA ASP A 169 36.44 14.48 -3.11
C ASP A 169 35.56 13.39 -2.49
N TYR A 170 34.98 13.70 -1.34
CA TYR A 170 34.13 12.72 -0.68
C TYR A 170 32.80 13.35 -0.32
N SER A 171 31.83 12.47 -0.07
CA SER A 171 30.56 12.87 0.51
C SER A 171 30.13 11.75 1.44
N ILE A 172 29.13 12.04 2.28
CA ILE A 172 28.64 11.10 3.27
C ILE A 172 27.16 10.88 3.04
N MET A 173 26.71 9.63 3.10
CA MET A 173 25.29 9.31 3.02
C MET A 173 24.90 8.60 4.31
N THR A 174 23.88 9.12 5.00
CA THR A 174 23.51 8.57 6.28
C THR A 174 22.44 7.49 6.17
N GLN A 175 22.53 6.51 7.07
CA GLN A 175 21.45 5.56 7.30
C GLN A 175 20.18 6.32 7.65
N PHE A 176 19.04 5.82 7.18
CA PHE A 176 17.79 6.50 7.51
C PHE A 176 17.47 6.38 8.99
N GLY A 177 16.61 7.30 9.46
CA GLY A 177 16.04 7.22 10.79
C GLY A 177 14.56 7.52 10.74
N PHE A 178 13.89 7.30 11.88
CA PHE A 178 12.48 7.62 12.00
C PHE A 178 12.24 8.90 12.78
N ASP A 179 13.30 9.58 13.16
CA ASP A 179 13.23 10.91 13.75
C ASP A 179 14.46 11.68 13.30
N ALA A 180 14.31 13.00 13.17
CA ALA A 180 15.42 13.83 12.76
C ALA A 180 16.43 14.11 13.87
N GLU A 181 16.09 13.86 15.14
CA GLU A 181 16.98 14.30 16.22
C GLU A 181 18.36 13.67 16.10
N PRO A 182 18.52 12.36 15.85
CA PRO A 182 19.88 11.81 15.78
C PRO A 182 20.75 12.46 14.72
N VAL A 183 20.24 12.65 13.49
CA VAL A 183 21.10 13.21 12.46
C VAL A 183 21.37 14.69 12.71
N LEU A 184 20.41 15.42 13.31
CA LEU A 184 20.69 16.81 13.61
C LEU A 184 21.84 16.94 14.59
N GLU A 185 21.88 16.09 15.61
CA GLU A 185 22.95 16.16 16.60
C GLU A 185 24.25 15.67 16.01
N TRP A 186 24.20 14.55 15.30
CA TRP A 186 25.40 13.91 14.78
C TRP A 186 26.05 14.76 13.69
N LEU A 187 25.25 15.42 12.86
CA LEU A 187 25.80 16.20 11.77
C LEU A 187 26.61 17.38 12.29
N LYS A 188 26.08 18.08 13.28
CA LYS A 188 26.85 19.16 13.89
C LYS A 188 28.14 18.63 14.50
N GLN A 189 28.09 17.46 15.13
CA GLN A 189 29.29 16.92 15.78
C GLN A 189 30.37 16.59 14.75
N ILE A 190 30.00 16.04 13.58
CA ILE A 190 31.08 15.73 12.64
C ILE A 190 31.65 17.01 12.04
N ARG A 191 30.83 18.05 11.88
CA ARG A 191 31.38 19.35 11.46
C ARG A 191 32.40 19.84 12.47
N SER A 192 32.12 19.64 13.76
CA SER A 192 33.04 20.07 14.82
C SER A 192 34.40 19.40 14.70
N GLU A 193 34.42 18.14 14.28
CA GLU A 193 35.64 17.36 14.09
C GLU A 193 36.33 17.66 12.78
N GLY A 194 35.83 18.64 12.03
CA GLY A 194 36.46 19.05 10.78
C GLY A 194 36.02 18.29 9.56
N ILE A 195 34.96 17.47 9.66
CA ILE A 195 34.43 16.73 8.53
C ILE A 195 33.44 17.66 7.83
N ASP A 196 33.89 18.27 6.72
CA ASP A 196 33.13 19.34 6.09
C ASP A 196 32.49 18.96 4.77
N GLY A 197 32.64 17.71 4.31
CA GLY A 197 32.12 17.31 3.02
C GLY A 197 30.60 17.31 2.96
N PRO A 198 30.03 17.28 1.76
CA PRO A 198 28.56 17.24 1.65
C PRO A 198 28.00 15.99 2.31
N VAL A 199 26.86 16.16 2.98
CA VAL A 199 26.16 15.07 3.64
C VAL A 199 24.79 14.89 2.99
N ARG A 200 24.48 13.68 2.60
CA ARG A 200 23.16 13.32 2.11
C ARG A 200 22.43 12.61 3.23
N ILE A 201 21.40 13.25 3.77
CA ILE A 201 20.60 12.67 4.85
C ILE A 201 19.66 11.63 4.25
N GLY A 202 19.82 10.38 4.68
CA GLY A 202 18.99 9.29 4.17
C GLY A 202 17.60 9.33 4.77
N LEU A 203 16.59 9.18 3.91
CA LEU A 203 15.19 9.15 4.29
C LEU A 203 14.58 7.87 3.75
N ALA A 204 13.80 7.16 4.58
CA ALA A 204 13.05 6.04 4.05
C ALA A 204 11.88 6.53 3.21
N GLY A 205 11.78 6.06 1.97
CA GLY A 205 10.67 6.40 1.13
C GLY A 205 9.38 5.82 1.68
N PRO A 206 8.25 6.27 1.16
CA PRO A 206 6.96 5.69 1.60
C PRO A 206 6.92 4.19 1.32
N ALA A 207 6.48 3.42 2.31
CA ALA A 207 6.48 1.96 2.19
C ALA A 207 5.59 1.39 3.27
N SER A 208 5.32 0.09 3.17
CA SER A 208 4.54 -0.56 4.21
C SER A 208 5.29 -0.49 5.54
N ILE A 209 4.52 -0.34 6.61
CA ILE A 209 5.09 -0.24 7.96
C ILE A 209 5.89 -1.48 8.29
N LYS A 210 5.39 -2.66 7.89
CA LYS A 210 6.14 -3.90 8.12
C LYS A 210 7.50 -3.88 7.41
N THR A 211 7.53 -3.43 6.15
CA THR A 211 8.79 -3.35 5.42
C THR A 211 9.75 -2.39 6.11
N LEU A 212 9.26 -1.22 6.52
CA LEU A 212 10.12 -0.23 7.17
C LEU A 212 10.66 -0.78 8.48
N LEU A 213 9.81 -1.45 9.27
CA LEU A 213 10.27 -1.97 10.55
C LEU A 213 11.24 -3.13 10.37
N ARG A 214 11.07 -3.94 9.33
CA ARG A 214 12.03 -5.03 9.11
C ARG A 214 13.40 -4.47 8.74
N PHE A 215 13.46 -3.50 7.83
CA PHE A 215 14.74 -2.86 7.52
C PHE A 215 15.33 -2.21 8.76
N ALA A 216 14.52 -1.48 9.52
CA ALA A 216 15.05 -0.77 10.68
C ALA A 216 15.68 -1.74 11.69
N ALA A 217 15.03 -2.88 11.93
CA ALA A 217 15.61 -3.86 12.84
C ALA A 217 16.96 -4.35 12.32
N ARG A 218 17.03 -4.69 11.03
CA ARG A 218 18.29 -5.18 10.47
C ARG A 218 19.37 -4.11 10.51
N CYS A 219 19.01 -2.84 10.34
CA CYS A 219 19.97 -1.74 10.24
C CYS A 219 20.28 -1.08 11.57
N GLY A 220 19.64 -1.48 12.66
CA GLY A 220 19.89 -0.85 13.93
C GLY A 220 19.29 0.54 14.07
N VAL A 221 18.22 0.84 13.33
CA VAL A 221 17.59 2.14 13.37
C VAL A 221 16.65 2.19 14.57
N GLY A 222 16.66 3.31 15.28
CA GLY A 222 15.87 3.44 16.50
C GLY A 222 14.37 3.34 16.29
N THR A 223 13.72 2.53 17.13
CA THR A 223 12.28 2.32 17.07
C THR A 223 11.69 2.39 18.48
N SER A 224 12.07 3.43 19.25
CA SER A 224 11.47 3.62 20.55
C SER A 224 9.96 3.83 20.39
N ALA A 225 9.23 3.57 21.50
CA ALA A 225 7.79 3.79 21.49
C ALA A 225 7.42 5.19 21.01
N LYS A 226 8.13 6.20 21.48
CA LYS A 226 7.76 7.57 21.12
C LYS A 226 7.99 7.84 19.64
N VAL A 227 9.06 7.26 19.08
CA VAL A 227 9.36 7.47 17.68
C VAL A 227 8.38 6.71 16.79
N VAL A 228 8.00 5.49 17.19
CA VAL A 228 7.04 4.71 16.43
C VAL A 228 5.70 5.44 16.36
N LYS A 229 5.30 6.07 17.46
CA LYS A 229 4.05 6.81 17.46
C LYS A 229 4.14 8.06 16.58
N LYS A 230 5.28 8.77 16.64
CA LYS A 230 5.43 10.01 15.88
C LYS A 230 5.54 9.76 14.39
N TYR A 231 6.30 8.74 13.99
CA TYR A 231 6.44 8.45 12.58
C TYR A 231 5.24 7.69 12.03
N GLY A 232 4.45 7.04 12.89
CA GLY A 232 3.30 6.28 12.46
C GLY A 232 3.65 4.87 12.00
N LEU A 233 4.25 4.10 12.90
CA LEU A 233 4.73 2.76 12.56
C LEU A 233 4.02 1.67 13.37
N SER A 234 2.77 1.88 13.75
CA SER A 234 2.05 0.86 14.50
C SER A 234 1.72 -0.34 13.61
N ILE A 235 1.88 -1.55 14.16
CA ILE A 235 1.51 -2.71 13.35
C ILE A 235 0.02 -2.96 13.36
N THR A 236 -0.75 -2.18 14.13
CA THR A 236 -2.21 -2.15 14.02
C THR A 236 -2.71 -0.92 13.27
N SER A 237 -1.84 -0.24 12.54
CA SER A 237 -2.24 0.95 11.81
C SER A 237 -3.35 0.64 10.82
N LEU A 238 -4.33 1.55 10.76
CA LEU A 238 -5.40 1.44 9.77
C LEU A 238 -4.90 1.79 8.38
N ILE A 239 -3.77 2.47 8.27
CA ILE A 239 -3.21 2.85 6.99
C ILE A 239 -2.28 1.77 6.46
N GLY A 240 -1.32 1.34 7.28
CA GLY A 240 -0.44 0.26 6.90
C GLY A 240 0.84 0.69 6.22
N SER A 241 1.02 1.98 5.95
CA SER A 241 2.21 2.52 5.32
C SER A 241 2.59 3.83 6.00
N ALA A 242 3.81 4.29 5.75
CA ALA A 242 4.32 5.51 6.36
C ALA A 242 5.34 6.17 5.43
N GLY A 243 5.33 7.51 5.40
CA GLY A 243 6.26 8.28 4.62
C GLY A 243 7.19 9.10 5.49
N PRO A 244 8.18 9.75 4.89
CA PRO A 244 9.20 10.47 5.67
C PRO A 244 8.85 11.90 6.06
N ASP A 245 7.62 12.35 5.83
CA ASP A 245 7.30 13.74 6.19
C ASP A 245 7.57 14.11 7.65
N PRO A 246 7.40 13.24 8.67
CA PRO A 246 7.73 13.69 10.04
C PRO A 246 9.19 14.09 10.20
N VAL A 247 10.10 13.37 9.55
CA VAL A 247 11.52 13.70 9.63
C VAL A 247 11.80 14.99 8.87
N ILE A 248 11.24 15.10 7.66
CA ILE A 248 11.42 16.31 6.85
C ILE A 248 10.90 17.54 7.58
N GLU A 249 9.81 17.40 8.32
CA GLU A 249 9.23 18.54 9.02
C GLU A 249 10.11 19.05 10.15
N ASP A 250 10.96 18.20 10.72
CA ASP A 250 11.93 18.66 11.71
C ASP A 250 13.22 19.15 11.05
N LEU A 251 13.66 18.47 9.98
CA LEU A 251 14.90 18.87 9.31
C LEU A 251 14.81 20.27 8.73
N THR A 252 13.74 20.56 8.00
CA THR A 252 13.71 21.81 7.25
C THR A 252 13.83 23.03 8.16
N PRO A 253 13.10 23.16 9.29
CA PRO A 253 13.29 24.35 10.14
C PRO A 253 14.57 24.34 10.97
N VAL A 254 15.13 23.16 11.31
CA VAL A 254 16.19 23.09 12.31
C VAL A 254 17.59 23.01 11.69
N LEU A 255 17.71 22.47 10.48
CA LEU A 255 19.00 22.51 9.82
C LEU A 255 19.50 23.95 9.69
N GLY A 256 20.79 24.17 9.97
CA GLY A 256 21.33 25.51 9.97
C GLY A 256 22.70 25.57 9.36
N PRO A 257 23.31 26.76 9.36
CA PRO A 257 24.67 26.89 8.82
C PRO A 257 25.67 25.96 9.49
N GLU A 258 25.44 25.60 10.76
CA GLU A 258 26.34 24.72 11.49
C GLU A 258 26.34 23.30 10.97
N HIS A 259 25.35 22.93 10.14
CA HIS A 259 25.32 21.61 9.54
C HIS A 259 26.03 21.53 8.19
N GLY A 260 26.46 22.66 7.63
CA GLY A 260 27.23 22.62 6.39
C GLY A 260 26.39 22.23 5.19
N GLN A 261 27.05 21.61 4.20
CA GLN A 261 26.44 21.24 2.93
C GLN A 261 25.57 20.00 3.08
N VAL A 262 24.27 20.10 2.83
CA VAL A 262 23.33 19.03 3.12
C VAL A 262 22.35 18.86 1.97
N HIS A 263 22.10 17.60 1.58
CA HIS A 263 21.06 17.22 0.63
C HIS A 263 20.30 16.04 1.21
N LEU A 264 19.33 15.54 0.44
CA LEU A 264 18.54 14.40 0.85
C LEU A 264 18.79 13.20 -0.06
N HIS A 265 18.71 12.00 0.52
CA HIS A 265 18.77 10.76 -0.25
C HIS A 265 17.56 9.92 0.12
N PHE A 266 16.86 9.39 -0.88
CA PHE A 266 15.65 8.59 -0.63
C PHE A 266 15.91 7.13 -0.92
N TYR A 267 15.67 6.29 0.09
CA TYR A 267 15.73 4.84 -0.07
C TYR A 267 14.39 4.34 -0.54
N PRO A 268 14.29 3.78 -1.72
CA PRO A 268 12.97 3.42 -2.29
C PRO A 268 12.44 2.08 -1.81
N PHE A 269 12.25 1.96 -0.50
CA PHE A 269 11.81 0.71 0.10
C PHE A 269 10.47 0.25 -0.45
N GLY A 270 9.62 1.18 -0.86
CA GLY A 270 8.31 0.88 -1.41
C GLY A 270 8.24 0.91 -2.90
N GLY A 271 9.37 1.01 -3.59
CA GLY A 271 9.38 1.03 -5.05
C GLY A 271 9.81 2.39 -5.55
N LEU A 272 10.65 2.39 -6.59
CA LEU A 272 11.21 3.63 -7.10
C LEU A 272 10.11 4.58 -7.61
N VAL A 273 9.15 4.07 -8.36
CA VAL A 273 8.11 4.94 -8.90
C VAL A 273 7.30 5.57 -7.77
N LYS A 274 6.88 4.75 -6.80
CA LYS A 274 6.13 5.27 -5.67
C LYS A 274 6.94 6.32 -4.92
N THR A 275 8.24 6.10 -4.80
CA THR A 275 9.08 7.00 -4.02
C THR A 275 9.20 8.35 -4.71
N ASN A 276 9.51 8.34 -6.02
CA ASN A 276 9.66 9.63 -6.67
C ASN A 276 8.33 10.34 -6.83
N GLU A 277 7.23 9.60 -7.06
CA GLU A 277 5.91 10.22 -7.07
C GLU A 277 5.62 10.91 -5.74
N TRP A 278 5.99 10.29 -4.62
CA TRP A 278 5.83 10.93 -3.32
C TRP A 278 6.59 12.25 -3.26
N ILE A 279 7.82 12.26 -3.74
CA ILE A 279 8.62 13.48 -3.75
C ILE A 279 7.94 14.57 -4.55
N VAL A 280 7.47 14.22 -5.75
CA VAL A 280 6.77 15.18 -6.61
C VAL A 280 5.52 15.70 -5.91
N ASN A 281 4.74 14.80 -5.33
CA ASN A 281 3.48 15.21 -4.73
C ASN A 281 3.68 15.97 -3.44
N PHE A 282 4.69 15.60 -2.65
CA PHE A 282 5.01 16.37 -1.45
C PHE A 282 5.42 17.78 -1.82
N LYS A 283 6.31 17.93 -2.80
CA LYS A 283 6.72 19.27 -3.21
C LYS A 283 5.53 20.07 -3.70
N GLY A 284 4.63 19.43 -4.46
CA GLY A 284 3.45 20.13 -4.94
C GLY A 284 2.57 20.63 -3.81
N LYS A 285 2.31 19.77 -2.82
CA LYS A 285 1.46 20.18 -1.71
C LYS A 285 2.08 21.28 -0.88
N GLN A 286 3.41 21.31 -0.80
CA GLN A 286 4.09 22.37 -0.07
C GLN A 286 4.31 23.62 -0.93
N GLY A 287 3.87 23.62 -2.18
CA GLY A 287 4.00 24.80 -3.01
C GLY A 287 5.41 25.11 -3.47
N ILE A 288 6.22 24.09 -3.71
CA ILE A 288 7.57 24.26 -4.25
C ILE A 288 7.74 23.33 -5.45
N ASP B 7 -18.77 7.26 19.65
CA ASP B 7 -19.50 6.56 20.73
C ASP B 7 -19.23 5.06 20.63
N LYS B 8 -18.66 4.48 21.68
CA LYS B 8 -18.35 3.05 21.66
C LYS B 8 -19.60 2.21 21.54
N ALA B 9 -20.68 2.59 22.24
CA ALA B 9 -21.90 1.79 22.22
C ALA B 9 -22.47 1.71 20.81
N ALA B 10 -22.61 2.86 20.13
CA ALA B 10 -23.16 2.89 18.79
C ALA B 10 -22.25 2.16 17.81
N LEU B 11 -20.94 2.34 17.95
CA LEU B 11 -20.00 1.64 17.07
C LEU B 11 -20.12 0.13 17.21
N SER B 12 -20.13 -0.37 18.45
CA SER B 12 -20.22 -1.81 18.68
C SER B 12 -21.48 -2.40 18.06
N ARG B 13 -22.60 -1.68 18.18
CA ARG B 13 -23.84 -2.16 17.59
C ARG B 13 -23.76 -2.16 16.07
N LEU B 14 -23.20 -1.09 15.49
CA LEU B 14 -23.10 -0.97 14.04
C LEU B 14 -22.24 -2.08 13.44
N PHE B 15 -21.22 -2.52 14.16
CA PHE B 15 -20.33 -3.58 13.68
C PHE B 15 -20.80 -4.98 14.04
N THR B 16 -21.84 -5.13 14.86
CA THR B 16 -22.38 -6.45 15.13
C THR B 16 -22.89 -7.08 13.84
N ASP B 17 -22.49 -8.33 13.59
CA ASP B 17 -23.00 -9.09 12.46
C ASP B 17 -22.63 -8.48 11.11
N TYR B 18 -21.42 -7.93 10.99
CA TYR B 18 -21.01 -7.44 9.69
C TYR B 18 -20.79 -8.63 8.74
N SER B 19 -20.87 -8.35 7.44
CA SER B 19 -20.72 -9.41 6.45
C SER B 19 -19.54 -9.10 5.53
N LEU B 20 -19.11 -10.16 4.83
CA LEU B 20 -17.98 -10.15 3.91
C LEU B 20 -18.36 -10.86 2.63
N GLU B 21 -17.44 -10.88 1.68
CA GLU B 21 -17.67 -11.60 0.44
C GLU B 21 -16.32 -12.04 -0.13
N ILE B 22 -16.37 -13.12 -0.91
CA ILE B 22 -15.22 -13.66 -1.63
C ILE B 22 -15.65 -14.06 -3.03
N THR B 23 -14.67 -14.22 -3.89
CA THR B 23 -14.80 -14.92 -5.16
C THR B 23 -14.37 -16.36 -5.00
N PRO B 24 -14.68 -17.21 -5.98
CA PRO B 24 -14.21 -18.61 -5.90
C PRO B 24 -12.70 -18.76 -5.88
N LYS B 25 -11.94 -17.72 -6.21
CA LYS B 25 -10.49 -17.81 -6.21
C LYS B 25 -9.86 -17.45 -4.88
N ASP B 26 -10.67 -17.17 -3.84
CA ASP B 26 -10.17 -16.62 -2.59
C ASP B 26 -10.25 -17.63 -1.44
N VAL B 27 -10.31 -18.93 -1.72
CA VAL B 27 -10.46 -19.89 -0.62
C VAL B 27 -9.22 -19.88 0.26
N GLU B 28 -8.03 -19.76 -0.32
CA GLU B 28 -6.83 -19.72 0.51
C GLU B 28 -6.82 -18.47 1.40
N ALA B 29 -7.18 -17.31 0.85
CA ALA B 29 -7.25 -16.10 1.66
C ALA B 29 -8.30 -16.25 2.75
N LEU B 30 -9.42 -16.90 2.43
CA LEU B 30 -10.43 -17.19 3.44
C LEU B 30 -9.86 -18.04 4.56
N GLU B 31 -9.12 -19.10 4.20
CA GLU B 31 -8.53 -19.97 5.21
C GLU B 31 -7.55 -19.20 6.09
N ASN B 32 -6.83 -18.24 5.52
CA ASN B 32 -5.85 -17.50 6.30
C ASN B 32 -6.49 -16.44 7.17
N ALA B 33 -7.60 -15.88 6.72
CA ALA B 33 -8.32 -14.86 7.47
C ALA B 33 -9.28 -15.43 8.50
N ALA B 34 -9.59 -16.73 8.43
CA ALA B 34 -10.72 -17.29 9.18
C ALA B 34 -10.57 -17.07 10.68
N HIS B 35 -9.34 -17.16 11.20
CA HIS B 35 -9.13 -17.08 12.63
C HIS B 35 -9.65 -15.77 13.23
N MET B 36 -9.70 -14.70 12.44
CA MET B 36 -10.12 -13.38 12.90
C MET B 36 -11.52 -13.02 12.47
N ILE B 37 -12.24 -13.90 11.80
CA ILE B 37 -13.62 -13.65 11.37
C ILE B 37 -14.56 -14.23 12.42
N PRO B 38 -15.53 -13.46 12.91
CA PRO B 38 -16.45 -13.98 13.93
C PRO B 38 -17.20 -15.19 13.44
N PRO B 39 -17.38 -16.20 14.29
CA PRO B 39 -18.22 -17.34 13.93
C PRO B 39 -19.59 -16.88 13.47
N GLY B 40 -20.09 -17.53 12.41
CA GLY B 40 -21.41 -17.24 11.89
C GLY B 40 -21.47 -16.11 10.89
N THR B 41 -20.36 -15.40 10.64
CA THR B 41 -20.36 -14.30 9.70
C THR B 41 -20.90 -14.74 8.36
N LEU B 42 -21.80 -13.93 7.79
CA LEU B 42 -22.31 -14.17 6.46
C LEU B 42 -21.23 -13.80 5.45
N ILE B 43 -20.85 -14.77 4.61
CA ILE B 43 -19.83 -14.54 3.59
C ILE B 43 -20.43 -14.89 2.24
N SER B 44 -20.52 -13.90 1.36
CA SER B 44 -21.05 -14.09 0.02
C SER B 44 -20.03 -14.76 -0.89
N VAL B 45 -20.52 -15.50 -1.88
CA VAL B 45 -19.72 -15.98 -2.99
C VAL B 45 -20.29 -15.32 -4.24
N THR B 46 -19.53 -14.42 -4.84
CA THR B 46 -20.10 -13.67 -5.95
C THR B 46 -20.15 -14.56 -7.20
N PHE B 47 -21.00 -14.14 -8.13
CA PHE B 47 -21.32 -14.91 -9.34
C PHE B 47 -20.89 -14.03 -10.50
N LEU B 48 -19.66 -14.27 -10.98
CA LEU B 48 -19.04 -13.43 -11.99
C LEU B 48 -18.29 -14.30 -13.01
N PRO B 49 -17.87 -13.71 -14.14
CA PRO B 49 -17.02 -14.47 -15.07
C PRO B 49 -15.76 -15.00 -14.40
N GLY B 50 -15.24 -16.07 -14.97
CA GLY B 50 -14.01 -16.65 -14.50
C GLY B 50 -14.15 -17.87 -13.62
N ALA B 51 -15.35 -18.43 -13.48
CA ALA B 51 -15.59 -19.55 -12.59
C ALA B 51 -16.79 -20.36 -13.06
N GLU B 52 -16.80 -21.65 -12.70
CA GLU B 52 -17.91 -22.55 -12.93
C GLU B 52 -18.57 -22.93 -11.62
N TYR B 53 -19.71 -23.64 -11.72
CA TYR B 53 -20.47 -23.97 -10.52
C TYR B 53 -19.63 -24.77 -9.52
N GLU B 54 -18.79 -25.68 -10.02
CA GLU B 54 -17.94 -26.46 -9.13
C GLU B 54 -17.06 -25.54 -8.29
N ASP B 55 -16.50 -24.50 -8.90
CA ASP B 55 -15.62 -23.59 -8.16
C ASP B 55 -16.42 -22.81 -7.12
N ARG B 56 -17.60 -22.33 -7.47
CA ARG B 56 -18.42 -21.57 -6.53
C ARG B 56 -18.91 -22.45 -5.38
N ALA B 57 -19.30 -23.69 -5.68
CA ALA B 57 -19.72 -24.60 -4.63
C ALA B 57 -18.56 -24.95 -3.70
N ARG B 58 -17.36 -25.09 -4.26
CA ARG B 58 -16.20 -25.38 -3.42
C ARG B 58 -15.98 -24.26 -2.39
N ALA B 59 -16.08 -23.01 -2.83
CA ALA B 59 -15.94 -21.89 -1.91
C ALA B 59 -17.05 -21.85 -0.88
N ALA B 60 -18.30 -22.11 -1.29
CA ALA B 60 -19.40 -22.08 -0.33
C ALA B 60 -19.23 -23.19 0.71
N LYS B 61 -18.82 -24.38 0.26
CA LYS B 61 -18.54 -25.49 1.18
C LYS B 61 -17.49 -25.11 2.21
N ARG B 62 -16.39 -24.51 1.75
CA ARG B 62 -15.32 -24.14 2.67
C ARG B 62 -15.78 -23.08 3.66
N ILE B 63 -16.58 -22.11 3.21
CA ILE B 63 -17.11 -21.10 4.12
C ILE B 63 -17.87 -21.76 5.27
N GLN B 64 -18.70 -22.73 4.94
CA GLN B 64 -19.47 -23.42 5.99
C GLN B 64 -18.56 -24.26 6.88
N GLU B 65 -17.61 -24.98 6.28
CA GLU B 65 -16.70 -25.80 7.07
C GLU B 65 -15.93 -24.98 8.08
N LEU B 66 -15.64 -23.72 7.77
CA LEU B 66 -14.87 -22.88 8.67
C LEU B 66 -15.75 -22.17 9.70
N GLY B 67 -17.04 -22.47 9.76
CA GLY B 67 -17.88 -21.91 10.79
C GLY B 67 -18.64 -20.66 10.40
N PHE B 68 -18.68 -20.32 9.12
CA PHE B 68 -19.35 -19.13 8.63
C PHE B 68 -20.59 -19.54 7.84
N ARG B 69 -21.39 -18.56 7.46
CA ARG B 69 -22.66 -18.81 6.77
C ARG B 69 -22.54 -18.37 5.32
N PRO B 70 -22.50 -19.30 4.36
CA PRO B 70 -22.30 -18.90 2.96
C PRO B 70 -23.56 -18.31 2.35
N VAL B 71 -23.36 -17.28 1.51
CA VAL B 71 -24.45 -16.64 0.78
C VAL B 71 -24.12 -16.69 -0.71
N PRO B 72 -24.49 -17.75 -1.42
CA PRO B 72 -24.24 -17.77 -2.87
C PRO B 72 -25.03 -16.69 -3.58
N HIS B 73 -24.34 -15.93 -4.41
CA HIS B 73 -25.01 -15.00 -5.32
C HIS B 73 -25.54 -15.74 -6.54
N LEU B 74 -26.70 -15.31 -7.02
CA LEU B 74 -27.30 -15.83 -8.25
C LEU B 74 -27.45 -14.67 -9.21
N SER B 75 -26.74 -14.74 -10.33
CA SER B 75 -26.78 -13.73 -11.38
C SER B 75 -27.79 -14.15 -12.44
N ALA B 76 -28.96 -13.52 -12.41
CA ALA B 76 -30.07 -13.98 -13.25
C ALA B 76 -29.71 -14.00 -14.73
N ARG B 77 -29.06 -12.93 -15.21
CA ARG B 77 -28.79 -12.81 -16.65
C ARG B 77 -27.68 -13.74 -17.12
N ARG B 78 -26.95 -14.37 -16.21
CA ARG B 78 -25.93 -15.33 -16.60
C ARG B 78 -26.46 -16.75 -16.67
N LEU B 79 -27.72 -16.97 -16.33
CA LEU B 79 -28.32 -18.29 -16.34
C LEU B 79 -29.10 -18.54 -17.62
N ILE B 80 -28.93 -19.73 -18.20
CA ILE B 80 -29.58 -20.05 -19.48
C ILE B 80 -31.05 -20.37 -19.28
N ASP B 81 -31.37 -21.26 -18.34
CA ASP B 81 -32.73 -21.71 -18.13
C ASP B 81 -32.82 -22.29 -16.72
N GLU B 82 -33.99 -22.83 -16.38
CA GLU B 82 -34.18 -23.40 -15.06
C GLU B 82 -33.23 -24.57 -14.82
N ALA B 83 -32.99 -25.40 -15.84
CA ALA B 83 -32.11 -26.53 -15.66
C ALA B 83 -30.70 -26.08 -15.30
N ASP B 84 -30.25 -24.99 -15.91
CA ASP B 84 -28.94 -24.41 -15.59
C ASP B 84 -28.88 -23.98 -14.13
N LEU B 85 -29.89 -23.25 -13.67
CA LEU B 85 -29.93 -22.84 -12.28
C LEU B 85 -29.99 -24.04 -11.34
N ARG B 86 -30.78 -25.06 -11.70
CA ARG B 86 -30.88 -26.24 -10.84
C ARG B 86 -29.55 -27.00 -10.76
N THR B 87 -28.73 -26.95 -11.82
CA THR B 87 -27.40 -27.54 -11.74
C THR B 87 -26.62 -26.95 -10.57
N TYR B 88 -26.70 -25.63 -10.40
CA TYR B 88 -25.99 -24.97 -9.31
C TYR B 88 -26.66 -25.23 -7.98
N LEU B 89 -27.97 -25.05 -7.90
CA LEU B 89 -28.68 -25.21 -6.62
C LEU B 89 -28.58 -26.64 -6.11
N ASP B 90 -28.68 -27.63 -7.00
CA ASP B 90 -28.54 -29.02 -6.57
C ASP B 90 -27.15 -29.30 -6.06
N MET B 91 -26.15 -28.74 -6.73
CA MET B 91 -24.77 -28.88 -6.29
C MET B 91 -24.58 -28.26 -4.92
N LEU B 92 -25.10 -27.04 -4.72
CA LEU B 92 -24.99 -26.38 -3.43
C LEU B 92 -25.71 -27.17 -2.33
N LYS B 93 -26.90 -27.69 -2.64
CA LYS B 93 -27.69 -28.41 -1.66
C LYS B 93 -26.90 -29.56 -1.04
N GLY B 94 -26.01 -30.19 -1.82
CA GLY B 94 -25.27 -31.33 -1.32
C GLY B 94 -24.10 -31.00 -0.42
N VAL B 95 -23.64 -29.74 -0.42
CA VAL B 95 -22.43 -29.39 0.32
C VAL B 95 -22.66 -28.29 1.36
N ILE B 96 -23.76 -27.53 1.32
CA ILE B 96 -24.03 -26.52 2.34
C ILE B 96 -25.48 -26.61 2.77
N ASP B 97 -25.77 -25.94 3.89
CA ASP B 97 -27.13 -25.73 4.39
C ASP B 97 -27.65 -24.50 3.67
N LEU B 98 -28.34 -24.74 2.55
CA LEU B 98 -28.71 -23.70 1.58
C LEU B 98 -29.92 -22.92 2.10
N LYS B 99 -29.63 -21.93 2.96
CA LYS B 99 -30.67 -21.10 3.56
C LYS B 99 -30.62 -19.64 3.13
N HIS B 100 -29.46 -19.15 2.68
CA HIS B 100 -29.27 -17.76 2.28
C HIS B 100 -28.82 -17.72 0.83
N VAL B 101 -29.46 -16.87 0.01
CA VAL B 101 -28.90 -16.52 -1.29
C VAL B 101 -28.98 -15.00 -1.44
N PHE B 102 -28.31 -14.50 -2.49
CA PHE B 102 -28.37 -13.09 -2.88
C PHE B 102 -28.63 -13.09 -4.37
N VAL B 103 -29.73 -12.47 -4.78
CA VAL B 103 -30.15 -12.53 -6.21
C VAL B 103 -30.02 -11.15 -6.87
N ILE B 104 -29.24 -11.09 -7.95
CA ILE B 104 -29.09 -9.81 -8.72
C ILE B 104 -29.38 -10.09 -10.20
N ALA B 105 -29.63 -9.04 -10.96
CA ALA B 105 -29.81 -9.22 -12.40
C ALA B 105 -28.49 -9.71 -12.99
N GLY B 106 -27.37 -9.22 -12.49
CA GLY B 106 -26.11 -9.56 -13.11
C GLY B 106 -25.63 -8.46 -14.01
N ASP B 107 -24.30 -8.34 -14.11
CA ASP B 107 -23.64 -7.29 -14.88
C ASP B 107 -23.89 -7.32 -16.40
N PRO B 108 -24.15 -8.47 -17.05
CA PRO B 108 -24.35 -8.44 -18.51
C PRO B 108 -25.43 -7.47 -18.97
N ASN B 109 -25.13 -6.76 -20.07
CA ASN B 109 -26.11 -5.87 -20.67
C ASN B 109 -27.23 -6.63 -21.37
N GLU B 110 -27.00 -7.89 -21.71
CA GLU B 110 -27.97 -8.72 -22.40
C GLU B 110 -28.12 -10.03 -21.65
N PRO B 111 -29.34 -10.41 -21.25
CA PRO B 111 -29.53 -11.71 -20.61
C PRO B 111 -29.16 -12.86 -21.54
N LEU B 112 -28.60 -13.92 -20.94
CA LEU B 112 -28.28 -15.15 -21.65
C LEU B 112 -29.44 -16.12 -21.72
N GLY B 113 -30.52 -15.86 -21.00
CA GLY B 113 -31.56 -16.87 -20.87
C GLY B 113 -32.94 -16.35 -20.48
N ILE B 114 -33.65 -17.13 -19.66
CA ILE B 114 -35.05 -16.87 -19.36
C ILE B 114 -35.25 -15.85 -18.25
N TYR B 115 -34.18 -15.37 -17.61
CA TYR B 115 -34.30 -14.45 -16.46
C TYR B 115 -33.77 -13.08 -16.85
N GLU B 116 -34.69 -12.13 -17.04
CA GLU B 116 -34.32 -10.78 -17.45
C GLU B 116 -33.66 -9.99 -16.33
N ASP B 117 -33.96 -10.34 -15.08
CA ASP B 117 -33.55 -9.54 -13.92
C ASP B 117 -33.75 -10.38 -12.67
N ALA B 118 -33.39 -9.80 -11.51
CA ALA B 118 -33.50 -10.56 -10.27
C ALA B 118 -34.93 -10.99 -10.00
N LEU B 119 -35.90 -10.11 -10.26
CA LEU B 119 -37.30 -10.42 -10.00
C LEU B 119 -37.76 -11.64 -10.80
N ALA B 120 -37.30 -11.78 -12.04
CA ALA B 120 -37.69 -12.94 -12.83
C ALA B 120 -37.30 -14.24 -12.13
N LEU B 121 -36.10 -14.29 -11.55
CA LEU B 121 -35.69 -15.49 -10.84
C LEU B 121 -36.44 -15.63 -9.52
N ILE B 122 -36.47 -14.54 -8.73
CA ILE B 122 -37.11 -14.59 -7.42
C ILE B 122 -38.57 -15.01 -7.53
N ASP B 123 -39.30 -14.41 -8.47
CA ASP B 123 -40.73 -14.63 -8.57
C ASP B 123 -41.08 -15.96 -9.22
N SER B 124 -40.09 -16.72 -9.69
CA SER B 124 -40.37 -18.01 -10.33
C SER B 124 -40.73 -19.08 -9.33
N GLY B 125 -40.47 -18.85 -8.04
CA GLY B 125 -40.79 -19.81 -6.99
C GLY B 125 -39.67 -20.77 -6.65
N ILE B 126 -38.58 -20.78 -7.42
CA ILE B 126 -37.55 -21.80 -7.26
C ILE B 126 -36.84 -21.68 -5.92
N LEU B 127 -36.74 -20.46 -5.36
CA LEU B 127 -36.08 -20.33 -4.07
C LEU B 127 -36.87 -21.03 -2.97
N LYS B 128 -38.20 -20.86 -2.98
CA LYS B 128 -39.02 -21.52 -1.98
C LYS B 128 -38.90 -23.03 -2.11
N GLU B 129 -38.84 -23.55 -3.34
CA GLU B 129 -38.74 -24.99 -3.55
C GLU B 129 -37.49 -25.55 -2.89
N TYR B 130 -36.38 -24.81 -2.95
CA TYR B 130 -35.13 -25.27 -2.36
C TYR B 130 -35.02 -24.93 -0.88
N GLY B 131 -36.08 -24.42 -0.27
CA GLY B 131 -36.07 -24.18 1.16
C GLY B 131 -35.31 -22.95 1.60
N ILE B 132 -35.04 -22.03 0.69
CA ILE B 132 -34.36 -20.80 1.05
C ILE B 132 -35.23 -19.99 2.01
N GLU B 133 -34.63 -19.54 3.11
CA GLU B 133 -35.32 -18.75 4.11
C GLU B 133 -34.98 -17.27 4.06
N HIS B 134 -33.89 -16.92 3.36
CA HIS B 134 -33.39 -15.55 3.32
C HIS B 134 -32.88 -15.25 1.93
N CYS B 135 -33.40 -14.19 1.34
CA CYS B 135 -32.98 -13.74 0.02
C CYS B 135 -32.58 -12.29 0.14
N GLY B 136 -31.33 -11.99 -0.17
CA GLY B 136 -30.88 -10.61 -0.24
C GLY B 136 -31.06 -10.02 -1.63
N ILE B 137 -31.29 -8.71 -1.67
CA ILE B 137 -31.42 -7.96 -2.91
C ILE B 137 -30.56 -6.70 -2.84
N SER B 138 -30.33 -6.09 -3.99
CA SER B 138 -29.48 -4.92 -4.11
C SER B 138 -30.18 -3.65 -3.63
N GLY B 139 -29.38 -2.60 -3.42
CA GLY B 139 -29.89 -1.26 -3.15
C GLY B 139 -28.85 -0.24 -3.60
N TYR B 140 -29.29 0.89 -4.16
CA TYR B 140 -28.38 1.89 -4.72
C TYR B 140 -28.70 3.28 -4.19
N PRO B 141 -28.10 3.67 -3.07
CA PRO B 141 -28.38 5.01 -2.53
C PRO B 141 -28.02 6.13 -3.50
N GLU B 142 -27.09 5.91 -4.42
CA GLU B 142 -26.66 6.91 -5.40
C GLU B 142 -27.16 6.59 -6.80
N GLY B 143 -28.12 5.69 -6.95
CA GLY B 143 -28.58 5.33 -8.26
C GLY B 143 -27.63 4.34 -8.93
N HIS B 144 -27.84 4.17 -10.24
CA HIS B 144 -27.17 3.14 -11.03
C HIS B 144 -26.89 3.69 -12.42
N PRO B 145 -25.72 3.37 -13.01
CA PRO B 145 -25.37 4.00 -14.29
C PRO B 145 -26.19 3.52 -15.49
N ASP B 146 -26.95 2.43 -15.39
CA ASP B 146 -27.70 1.91 -16.52
C ASP B 146 -29.20 1.91 -16.30
N ILE B 147 -29.67 2.28 -15.11
CA ILE B 147 -31.04 2.06 -14.69
C ILE B 147 -31.52 3.32 -14.00
N THR B 148 -32.72 3.78 -14.38
CA THR B 148 -33.28 4.99 -13.78
C THR B 148 -33.64 4.75 -12.31
N ASP B 149 -33.65 5.83 -11.54
CA ASP B 149 -34.09 5.75 -10.15
C ASP B 149 -35.47 5.13 -10.05
N GLU B 150 -36.37 5.50 -10.96
CA GLU B 150 -37.73 4.98 -10.92
C GLU B 150 -37.76 3.47 -11.11
N LYS B 151 -36.98 2.96 -12.07
CA LYS B 151 -36.94 1.52 -12.29
C LYS B 151 -36.29 0.80 -11.11
N LEU B 152 -35.26 1.41 -10.51
CA LEU B 152 -34.65 0.81 -9.32
C LEU B 152 -35.65 0.70 -8.17
N ALA B 153 -36.43 1.76 -7.93
CA ALA B 153 -37.38 1.71 -6.83
C ALA B 153 -38.51 0.73 -7.11
N LYS B 154 -39.00 0.69 -8.36
CA LYS B 154 -40.05 -0.29 -8.69
C LYS B 154 -39.53 -1.71 -8.52
N ALA B 155 -38.29 -1.96 -8.93
CA ALA B 155 -37.74 -3.30 -8.79
C ALA B 155 -37.62 -3.71 -7.33
N MET B 156 -37.14 -2.78 -6.47
CA MET B 156 -37.09 -3.09 -5.04
C MET B 156 -38.48 -3.42 -4.50
N HIS B 157 -39.47 -2.60 -4.82
CA HIS B 157 -40.81 -2.86 -4.32
C HIS B 157 -41.34 -4.19 -4.84
N ASP B 158 -41.08 -4.49 -6.12
CA ASP B 158 -41.58 -5.74 -6.70
C ASP B 158 -40.89 -6.96 -6.10
N LYS B 159 -39.58 -6.88 -5.88
CA LYS B 159 -38.88 -8.01 -5.29
C LYS B 159 -39.31 -8.23 -3.85
N VAL B 160 -39.49 -7.15 -3.09
CA VAL B 160 -39.94 -7.29 -1.70
C VAL B 160 -41.33 -7.91 -1.66
N ALA B 161 -42.23 -7.46 -2.54
CA ALA B 161 -43.58 -8.02 -2.60
C ALA B 161 -43.54 -9.50 -2.94
N SER B 162 -42.66 -9.88 -3.87
CA SER B 162 -42.59 -11.28 -4.26
C SER B 162 -42.06 -12.15 -3.12
N LEU B 163 -41.04 -11.68 -2.41
CA LEU B 163 -40.52 -12.43 -1.28
C LEU B 163 -41.54 -12.50 -0.15
N LYS B 164 -42.24 -11.40 0.13
CA LYS B 164 -43.30 -11.42 1.14
C LYS B 164 -44.38 -12.42 0.75
N ARG B 165 -44.82 -12.40 -0.51
CA ARG B 165 -45.84 -13.33 -0.97
C ARG B 165 -45.40 -14.78 -0.73
N GLN B 166 -44.14 -15.09 -0.99
CA GLN B 166 -43.65 -16.45 -0.81
C GLN B 166 -43.25 -16.77 0.62
N GLY B 167 -43.36 -15.83 1.56
CA GLY B 167 -42.92 -16.12 2.92
C GLY B 167 -41.44 -16.32 3.07
N ILE B 168 -40.63 -15.61 2.30
CA ILE B 168 -39.17 -15.66 2.40
C ILE B 168 -38.69 -14.32 2.94
N ASP B 169 -37.92 -14.36 4.03
CA ASP B 169 -37.36 -13.12 4.57
C ASP B 169 -36.36 -12.53 3.59
N TYR B 170 -36.28 -11.20 3.59
CA TYR B 170 -35.36 -10.52 2.70
C TYR B 170 -34.48 -9.56 3.48
N SER B 171 -33.33 -9.24 2.87
CA SER B 171 -32.46 -8.18 3.32
C SER B 171 -31.95 -7.44 2.11
N ILE B 172 -31.38 -6.26 2.34
CA ILE B 172 -30.86 -5.42 1.28
C ILE B 172 -29.38 -5.20 1.54
N MET B 173 -28.56 -5.29 0.49
CA MET B 173 -27.16 -4.92 0.57
C MET B 173 -26.90 -3.81 -0.44
N THR B 174 -26.34 -2.70 0.03
CA THR B 174 -26.19 -1.55 -0.86
C THR B 174 -24.84 -1.56 -1.57
N GLN B 175 -24.86 -1.00 -2.78
CA GLN B 175 -23.65 -0.69 -3.50
C GLN B 175 -22.75 0.14 -2.61
N PHE B 176 -21.44 -0.09 -2.71
CA PHE B 176 -20.53 0.68 -1.87
C PHE B 176 -20.62 2.15 -2.25
N GLY B 177 -20.31 3.02 -1.28
CA GLY B 177 -20.25 4.44 -1.53
C GLY B 177 -19.18 5.06 -0.65
N PHE B 178 -18.82 6.29 -0.98
CA PHE B 178 -17.79 7.02 -0.27
C PHE B 178 -18.36 8.14 0.60
N ASP B 179 -19.68 8.16 0.84
CA ASP B 179 -20.33 9.32 1.44
C ASP B 179 -21.55 8.83 2.23
N ALA B 180 -21.58 9.15 3.53
CA ALA B 180 -22.68 8.69 4.37
C ALA B 180 -23.99 9.40 4.06
N GLU B 181 -23.95 10.66 3.63
CA GLU B 181 -25.18 11.45 3.51
C GLU B 181 -26.20 10.80 2.58
N PRO B 182 -25.86 10.40 1.34
CA PRO B 182 -26.87 9.74 0.50
C PRO B 182 -27.39 8.43 1.09
N VAL B 183 -26.55 7.69 1.80
CA VAL B 183 -27.02 6.46 2.45
C VAL B 183 -28.10 6.79 3.47
N LEU B 184 -27.84 7.80 4.32
CA LEU B 184 -28.79 8.12 5.39
C LEU B 184 -30.12 8.60 4.81
N GLU B 185 -30.06 9.44 3.78
CA GLU B 185 -31.28 9.95 3.16
C GLU B 185 -32.07 8.82 2.50
N TRP B 186 -31.37 7.98 1.75
CA TRP B 186 -32.03 6.86 1.07
C TRP B 186 -32.64 5.89 2.09
N LEU B 187 -31.94 5.63 3.20
CA LEU B 187 -32.49 4.76 4.24
C LEU B 187 -33.78 5.32 4.81
N LYS B 188 -33.77 6.59 5.20
CA LYS B 188 -34.97 7.19 5.76
C LYS B 188 -36.14 7.05 4.80
N GLN B 189 -35.89 7.30 3.51
CA GLN B 189 -36.95 7.21 2.49
C GLN B 189 -37.53 5.80 2.41
N ILE B 190 -36.69 4.79 2.15
CA ILE B 190 -37.27 3.47 1.92
C ILE B 190 -37.95 2.93 3.17
N ARG B 191 -37.45 3.26 4.36
CA ARG B 191 -38.12 2.83 5.58
C ARG B 191 -39.50 3.48 5.69
N SER B 192 -39.62 4.73 5.25
CA SER B 192 -40.92 5.40 5.34
C SER B 192 -41.91 4.81 4.36
N GLU B 193 -41.43 4.17 3.29
CA GLU B 193 -42.27 3.46 2.35
C GLU B 193 -42.64 2.06 2.82
N GLY B 194 -42.24 1.68 4.03
CA GLY B 194 -42.57 0.37 4.55
C GLY B 194 -41.54 -0.71 4.27
N ILE B 195 -40.42 -0.38 3.63
CA ILE B 195 -39.34 -1.33 3.40
C ILE B 195 -38.53 -1.39 4.69
N ASP B 196 -38.80 -2.40 5.52
CA ASP B 196 -38.23 -2.47 6.86
C ASP B 196 -37.25 -3.62 7.05
N GLY B 197 -36.86 -4.33 5.98
CA GLY B 197 -35.91 -5.40 6.11
C GLY B 197 -34.55 -4.86 6.50
N PRO B 198 -33.70 -5.72 7.05
CA PRO B 198 -32.34 -5.27 7.41
C PRO B 198 -31.58 -4.81 6.17
N VAL B 199 -30.88 -3.70 6.31
CA VAL B 199 -30.05 -3.15 5.23
C VAL B 199 -28.60 -3.25 5.66
N ARG B 200 -27.80 -3.93 4.85
CA ARG B 200 -26.35 -3.96 5.05
C ARG B 200 -25.74 -2.84 4.20
N ILE B 201 -25.17 -1.83 4.85
CA ILE B 201 -24.59 -0.70 4.16
C ILE B 201 -23.24 -1.12 3.58
N GLY B 202 -23.11 -1.05 2.25
CA GLY B 202 -21.86 -1.46 1.61
C GLY B 202 -20.74 -0.45 1.79
N LEU B 203 -19.61 -0.92 2.30
CA LEU B 203 -18.42 -0.10 2.48
C LEU B 203 -17.27 -0.71 1.70
N ALA B 204 -16.52 0.16 1.02
CA ALA B 204 -15.27 -0.27 0.41
C ALA B 204 -14.24 -0.51 1.51
N GLY B 205 -13.65 -1.70 1.53
CA GLY B 205 -12.57 -1.96 2.45
C GLY B 205 -11.35 -1.12 2.11
N PRO B 206 -10.36 -1.13 2.98
CA PRO B 206 -9.12 -0.38 2.70
C PRO B 206 -8.44 -0.92 1.45
N ALA B 207 -8.03 0.00 0.59
CA ALA B 207 -7.42 -0.38 -0.67
C ALA B 207 -6.68 0.82 -1.23
N SER B 208 -5.84 0.56 -2.22
CA SER B 208 -5.18 1.65 -2.92
C SER B 208 -6.23 2.57 -3.56
N ILE B 209 -5.90 3.86 -3.62
CA ILE B 209 -6.81 4.85 -4.18
C ILE B 209 -7.12 4.53 -5.64
N LYS B 210 -6.12 4.07 -6.39
CA LYS B 210 -6.34 3.70 -7.78
C LYS B 210 -7.35 2.57 -7.91
N THR B 211 -7.25 1.56 -7.04
CA THR B 211 -8.20 0.45 -7.06
C THR B 211 -9.61 0.94 -6.73
N LEU B 212 -9.73 1.77 -5.70
CA LEU B 212 -11.02 2.31 -5.33
C LEU B 212 -11.64 3.10 -6.49
N LEU B 213 -10.83 3.91 -7.17
CA LEU B 213 -11.35 4.68 -8.30
C LEU B 213 -11.73 3.77 -9.46
N ARG B 214 -11.00 2.68 -9.67
CA ARG B 214 -11.36 1.75 -10.74
C ARG B 214 -12.72 1.12 -10.48
N PHE B 215 -12.96 0.64 -9.25
CA PHE B 215 -14.27 0.07 -8.93
C PHE B 215 -15.36 1.14 -9.00
N ALA B 216 -15.08 2.33 -8.48
CA ALA B 216 -16.09 3.39 -8.49
C ALA B 216 -16.46 3.79 -9.91
N ALA B 217 -15.49 3.80 -10.82
CA ALA B 217 -15.78 4.09 -12.22
C ALA B 217 -16.69 3.02 -12.81
N ARG B 218 -16.36 1.75 -12.58
CA ARG B 218 -17.16 0.66 -13.13
C ARG B 218 -18.58 0.63 -12.59
N CYS B 219 -18.80 1.13 -11.37
CA CYS B 219 -20.08 0.95 -10.69
C CYS B 219 -20.89 2.24 -10.60
N GLY B 220 -20.45 3.32 -11.24
CA GLY B 220 -21.18 4.57 -11.16
C GLY B 220 -21.32 5.09 -9.74
N VAL B 221 -20.30 4.89 -8.92
CA VAL B 221 -20.27 5.43 -7.58
C VAL B 221 -19.72 6.84 -7.64
N GLY B 222 -20.31 7.74 -6.86
CA GLY B 222 -19.92 9.13 -6.88
C GLY B 222 -18.46 9.37 -6.58
N THR B 223 -17.72 9.84 -7.58
CA THR B 223 -16.36 10.34 -7.41
C THR B 223 -16.32 11.83 -7.72
N SER B 224 -17.26 12.58 -7.14
CA SER B 224 -17.25 14.03 -7.28
C SER B 224 -16.02 14.62 -6.62
N ALA B 225 -15.71 15.87 -6.98
CA ALA B 225 -14.53 16.54 -6.44
C ALA B 225 -14.60 16.61 -4.92
N LYS B 226 -15.77 16.92 -4.36
CA LYS B 226 -15.85 17.07 -2.91
C LYS B 226 -15.61 15.74 -2.21
N VAL B 227 -16.11 14.64 -2.79
CA VAL B 227 -15.95 13.34 -2.16
C VAL B 227 -14.51 12.87 -2.29
N VAL B 228 -13.90 13.06 -3.47
CA VAL B 228 -12.50 12.70 -3.67
C VAL B 228 -11.61 13.40 -2.65
N LYS B 229 -11.97 14.63 -2.27
CA LYS B 229 -11.20 15.37 -1.28
C LYS B 229 -11.47 14.87 0.14
N LYS B 230 -12.72 14.50 0.45
CA LYS B 230 -13.09 14.16 1.82
C LYS B 230 -12.72 12.72 2.18
N TYR B 231 -13.01 11.75 1.30
CA TYR B 231 -12.62 10.37 1.57
C TYR B 231 -11.12 10.18 1.45
N GLY B 232 -10.43 11.11 0.83
CA GLY B 232 -9.01 10.97 0.56
C GLY B 232 -8.80 10.08 -0.65
N LEU B 233 -9.35 10.48 -1.80
CA LEU B 233 -9.24 9.70 -3.01
C LEU B 233 -8.47 10.45 -4.10
N SER B 234 -7.56 11.33 -3.68
CA SER B 234 -6.72 12.05 -4.62
C SER B 234 -5.62 11.15 -5.13
N ILE B 235 -5.40 11.14 -6.45
CA ILE B 235 -4.34 10.29 -6.98
C ILE B 235 -2.95 10.86 -6.74
N THR B 236 -2.85 12.08 -6.22
CA THR B 236 -1.59 12.66 -5.75
C THR B 236 -1.45 12.57 -4.24
N SER B 237 -2.29 11.75 -3.61
CA SER B 237 -2.16 11.45 -2.20
C SER B 237 -0.76 11.00 -1.84
N LEU B 238 -0.26 11.55 -0.73
CA LEU B 238 0.99 11.06 -0.16
C LEU B 238 0.83 9.67 0.43
N ILE B 239 -0.39 9.28 0.75
CA ILE B 239 -0.66 7.99 1.38
C ILE B 239 -0.89 6.90 0.35
N GLY B 240 -1.80 7.16 -0.60
CA GLY B 240 -2.03 6.27 -1.71
C GLY B 240 -3.10 5.21 -1.47
N SER B 241 -3.73 5.21 -0.29
CA SER B 241 -4.78 4.27 0.06
C SER B 241 -5.81 5.00 0.90
N ALA B 242 -6.97 4.35 1.09
CA ALA B 242 -8.06 4.94 1.85
C ALA B 242 -8.92 3.82 2.43
N GLY B 243 -9.44 4.07 3.62
CA GLY B 243 -10.36 3.17 4.27
C GLY B 243 -11.72 3.80 4.49
N PRO B 244 -12.67 3.02 4.99
CA PRO B 244 -14.06 3.50 5.12
C PRO B 244 -14.38 4.21 6.43
N ASP B 245 -13.40 4.53 7.27
CA ASP B 245 -13.74 5.18 8.53
C ASP B 245 -14.47 6.52 8.38
N PRO B 246 -14.23 7.36 7.35
CA PRO B 246 -15.02 8.61 7.27
C PRO B 246 -16.52 8.38 7.13
N VAL B 247 -16.91 7.35 6.38
CA VAL B 247 -18.33 7.03 6.28
C VAL B 247 -18.85 6.49 7.62
N ILE B 248 -18.08 5.60 8.25
CA ILE B 248 -18.47 5.06 9.56
C ILE B 248 -18.63 6.17 10.57
N GLU B 249 -17.69 7.12 10.59
CA GLU B 249 -17.73 8.20 11.57
C GLU B 249 -18.94 9.11 11.36
N ASP B 250 -19.42 9.24 10.13
CA ASP B 250 -20.61 10.06 9.87
C ASP B 250 -21.91 9.31 10.16
N LEU B 251 -21.90 7.97 10.09
CA LEU B 251 -23.11 7.20 10.33
C LEU B 251 -23.45 7.09 11.80
N THR B 252 -22.46 6.81 12.66
CA THR B 252 -22.76 6.48 14.05
C THR B 252 -23.46 7.58 14.83
N PRO B 253 -23.19 8.88 14.63
CA PRO B 253 -23.93 9.90 15.41
C PRO B 253 -25.37 10.10 14.99
N VAL B 254 -25.79 9.55 13.84
CA VAL B 254 -27.06 9.95 13.23
C VAL B 254 -28.05 8.80 13.12
N LEU B 255 -27.55 7.57 12.98
CA LEU B 255 -28.45 6.42 12.83
C LEU B 255 -29.43 6.33 13.99
N GLY B 256 -30.71 6.18 13.67
CA GLY B 256 -31.76 6.02 14.65
C GLY B 256 -32.88 5.16 14.10
N PRO B 257 -33.99 5.02 14.83
CA PRO B 257 -35.06 4.13 14.36
C PRO B 257 -35.62 4.51 12.99
N GLU B 258 -35.57 5.78 12.60
CA GLU B 258 -36.03 6.16 11.28
C GLU B 258 -35.19 5.55 10.16
N HIS B 259 -34.00 5.04 10.47
CA HIS B 259 -33.19 4.37 9.45
C HIS B 259 -33.35 2.85 9.50
N GLY B 260 -34.11 2.31 10.45
CA GLY B 260 -34.35 0.88 10.53
C GLY B 260 -33.14 0.08 10.95
N GLN B 261 -33.24 -1.22 10.73
CA GLN B 261 -32.18 -2.15 11.12
C GLN B 261 -31.06 -2.08 10.10
N VAL B 262 -29.85 -1.76 10.55
CA VAL B 262 -28.71 -1.66 9.65
C VAL B 262 -27.56 -2.50 10.18
N HIS B 263 -26.76 -3.01 9.25
CA HIS B 263 -25.49 -3.65 9.51
C HIS B 263 -24.51 -3.11 8.48
N LEU B 264 -23.28 -3.61 8.51
CA LEU B 264 -22.26 -3.23 7.54
C LEU B 264 -21.89 -4.41 6.68
N HIS B 265 -21.57 -4.14 5.41
CA HIS B 265 -21.01 -5.12 4.51
C HIS B 265 -19.71 -4.58 3.94
N PHE B 266 -18.64 -5.36 4.01
CA PHE B 266 -17.33 -4.91 3.54
C PHE B 266 -16.98 -5.59 2.22
N TYR B 267 -16.74 -4.77 1.20
CA TYR B 267 -16.21 -5.26 -0.06
C TYR B 267 -14.69 -5.29 0.02
N PRO B 268 -14.05 -6.45 -0.08
CA PRO B 268 -12.61 -6.55 0.18
C PRO B 268 -11.76 -6.19 -1.04
N PHE B 269 -11.90 -4.95 -1.51
CA PHE B 269 -11.21 -4.51 -2.71
C PHE B 269 -9.69 -4.61 -2.57
N GLY B 270 -9.18 -4.50 -1.35
CA GLY B 270 -7.77 -4.61 -1.06
C GLY B 270 -7.31 -5.97 -0.60
N GLY B 271 -8.18 -6.95 -0.62
CA GLY B 271 -7.86 -8.31 -0.18
C GLY B 271 -8.60 -8.66 1.09
N LEU B 272 -9.11 -9.90 1.14
CA LEU B 272 -9.89 -10.34 2.30
C LEU B 272 -9.10 -10.21 3.60
N VAL B 273 -7.84 -10.66 3.59
CA VAL B 273 -7.05 -10.62 4.83
C VAL B 273 -6.85 -9.17 5.28
N LYS B 274 -6.46 -8.29 4.37
CA LYS B 274 -6.27 -6.88 4.75
C LYS B 274 -7.57 -6.24 5.23
N THR B 275 -8.70 -6.64 4.64
CA THR B 275 -9.98 -6.07 5.04
C THR B 275 -10.35 -6.48 6.47
N ASN B 276 -10.22 -7.76 6.79
CA ASN B 276 -10.57 -8.17 8.14
C ASN B 276 -9.54 -7.69 9.16
N GLU B 277 -8.26 -7.60 8.78
CA GLU B 277 -7.27 -6.99 9.68
C GLU B 277 -7.67 -5.56 10.01
N TRP B 278 -8.12 -4.81 9.01
CA TRP B 278 -8.57 -3.44 9.24
C TRP B 278 -9.74 -3.40 10.22
N ILE B 279 -10.70 -4.30 10.06
CA ILE B 279 -11.87 -4.33 10.94
C ILE B 279 -11.44 -4.61 12.38
N VAL B 280 -10.62 -5.66 12.56
CA VAL B 280 -10.16 -6.02 13.89
C VAL B 280 -9.34 -4.90 14.51
N ASN B 281 -8.48 -4.26 13.71
CA ASN B 281 -7.65 -3.16 14.21
C ASN B 281 -8.49 -1.96 14.56
N PHE B 282 -9.51 -1.67 13.75
CA PHE B 282 -10.38 -0.53 14.02
C PHE B 282 -11.19 -0.75 15.29
N LYS B 283 -11.70 -1.98 15.48
CA LYS B 283 -12.42 -2.30 16.70
C LYS B 283 -11.52 -2.22 17.92
N GLY B 284 -10.30 -2.77 17.82
CA GLY B 284 -9.38 -2.69 18.95
C GLY B 284 -9.00 -1.26 19.29
N LYS B 285 -8.80 -0.43 18.27
CA LYS B 285 -8.47 0.97 18.49
C LYS B 285 -9.60 1.72 19.17
N GLN B 286 -10.83 1.46 18.74
CA GLN B 286 -11.99 2.13 19.32
C GLN B 286 -12.43 1.51 20.65
N GLY B 287 -11.79 0.44 21.08
CA GLY B 287 -12.15 -0.21 22.34
C GLY B 287 -13.50 -0.87 22.31
N ILE B 288 -13.74 -1.73 21.33
CA ILE B 288 -15.02 -2.38 21.17
C ILE B 288 -14.81 -3.88 20.94
#